data_8VL0
#
_entry.id   8VL0
#
_cell.length_a   41.179
_cell.length_b   51.407
_cell.length_c   79.296
_cell.angle_alpha   90.00
_cell.angle_beta   92.01
_cell.angle_gamma   90.00
#
_symmetry.space_group_name_H-M   'P 1 21 1'
#
loop_
_entity.id
_entity.type
_entity.pdbx_description
1 polymer 'Cytochrome P450'
2 non-polymer '4-(2-oxopropyl)benzoic acid'
3 non-polymer 'PROTOPORPHYRIN IX CONTAINING FE'
4 non-polymer 'CHLORIDE ION'
5 water water
#
_entity_poly.entity_id   1
_entity_poly.type   'polypeptide(L)'
_entity_poly.pdbx_seq_one_letter_code
;MISNSSAESISAPPNDSTIPHLAIDPFSLDFFDDPYPDQQTLRDAGPVVYLDKWNVYGVARYAEVHAVLNDPTTFCSSRG
VGLSDFKKEKPWRPPSLILEADPPAHTRPRAVLSKVLSPATMKTIRDGFAAAADAKVDELLQRGCIDAIADLAEAYPLSV
FPDAMGLKQEGREHLLPYAGLVFNAFGPPNELRQTAIERSAPHQAYVNEQCQRPNLAPGGFGACIHAFTDTGEITPDEAP
LLVRSLLSAGLDTTVNGIGAAVYCLARFPGELQRLRSDPTLARNAFEEAVRFESPVQTFFRTTTREVELGGAVIGEGEKV
LMFLGSANRDPRRWSDPDLYDITRKTSGHVGFGSGVHMCVGQLVARLEGEVMLSALARKVAAIDIDGPVKRRFNNTLRGL
ESLPVKLTPA
;
_entity_poly.pdbx_strand_id   A
#
# COMPACT_ATOMS: atom_id res chain seq x y z
N THR A 18 -31.53 4.87 11.58
CA THR A 18 -31.44 3.82 10.58
C THR A 18 -30.00 3.36 10.40
N ILE A 19 -29.06 4.26 10.63
CA ILE A 19 -27.63 3.98 10.51
C ILE A 19 -27.07 3.75 11.91
N PRO A 20 -26.42 2.61 12.17
CA PRO A 20 -25.87 2.38 13.51
C PRO A 20 -24.67 3.28 13.78
N HIS A 21 -24.64 3.89 14.95
CA HIS A 21 -23.54 4.72 15.40
C HIS A 21 -22.61 3.89 16.29
N LEU A 22 -21.35 3.81 15.92
CA LEU A 22 -20.35 3.06 16.68
C LEU A 22 -19.27 4.00 17.20
N ALA A 23 -18.71 3.65 18.36
CA ALA A 23 -17.66 4.42 18.99
C ALA A 23 -16.27 3.91 18.68
N ILE A 24 -16.15 2.85 17.87
CA ILE A 24 -14.85 2.30 17.53
C ILE A 24 -14.00 3.36 16.87
N ASP A 25 -12.75 3.50 17.35
CA ASP A 25 -11.79 4.38 16.72
C ASP A 25 -10.88 3.54 15.82
N PRO A 26 -11.12 3.51 14.50
CA PRO A 26 -10.28 2.68 13.62
C PRO A 26 -8.84 3.17 13.51
N PHE A 27 -8.48 4.28 14.16
CA PHE A 27 -7.12 4.79 14.12
C PHE A 27 -6.48 4.79 15.51
N SER A 28 -7.00 3.99 16.43
CA SER A 28 -6.42 3.86 17.76
C SER A 28 -5.40 2.73 17.78
N LEU A 29 -4.43 2.85 18.70
CA LEU A 29 -3.40 1.82 18.80
C LEU A 29 -4.01 0.46 19.14
N ASP A 30 -5.01 0.44 20.02
CA ASP A 30 -5.68 -0.82 20.34
C ASP A 30 -6.31 -1.44 19.11
N PHE A 31 -6.86 -0.62 18.21
CA PHE A 31 -7.41 -1.13 16.97
C PHE A 31 -6.31 -1.69 16.07
N PHE A 32 -5.25 -0.91 15.85
CA PHE A 32 -4.11 -1.41 15.09
C PHE A 32 -3.59 -2.72 15.67
N ASP A 33 -3.56 -2.84 16.99
CA ASP A 33 -2.96 -4.01 17.61
C ASP A 33 -3.71 -5.29 17.29
N ASP A 34 -5.02 -5.20 17.06
CA ASP A 34 -5.83 -6.36 16.71
C ASP A 34 -7.15 -5.88 16.15
N PRO A 35 -7.21 -5.57 14.85
CA PRO A 35 -8.42 -4.97 14.28
C PRO A 35 -9.51 -5.94 13.88
N TYR A 36 -9.26 -7.25 13.90
CA TYR A 36 -10.20 -8.19 13.31
C TYR A 36 -11.51 -8.26 14.09
N PRO A 37 -11.52 -8.33 15.42
CA PRO A 37 -12.80 -8.27 16.13
C PRO A 37 -13.58 -7.02 15.80
N ASP A 38 -12.95 -5.85 15.90
CA ASP A 38 -13.66 -4.60 15.57
C ASP A 38 -14.12 -4.58 14.13
N GLN A 39 -13.37 -5.21 13.22
CA GLN A 39 -13.78 -5.21 11.82
C GLN A 39 -15.03 -6.03 11.60
N GLN A 40 -15.14 -7.20 12.25
CA GLN A 40 -16.39 -7.95 12.18
C GLN A 40 -17.54 -7.13 12.77
N THR A 41 -17.32 -6.51 13.91
CA THR A 41 -18.34 -5.63 14.48
C THR A 41 -18.75 -4.56 13.46
N LEU A 42 -17.78 -4.01 12.73
CA LEU A 42 -18.09 -3.00 11.72
C LEU A 42 -18.89 -3.60 10.56
N ARG A 43 -18.56 -4.82 10.16
CA ARG A 43 -19.29 -5.46 9.07
C ARG A 43 -20.71 -5.83 9.51
N ASP A 44 -20.82 -6.48 10.67
CA ASP A 44 -22.12 -7.00 11.11
C ASP A 44 -23.05 -5.93 11.62
N ALA A 45 -22.54 -4.76 12.00
CA ALA A 45 -23.42 -3.69 12.44
C ALA A 45 -24.38 -3.26 11.34
N GLY A 46 -23.94 -3.35 10.08
CA GLY A 46 -24.75 -2.97 8.95
C GLY A 46 -23.89 -2.67 7.74
N PRO A 47 -24.53 -2.54 6.57
CA PRO A 47 -23.76 -2.19 5.36
C PRO A 47 -23.14 -0.81 5.42
N VAL A 48 -23.69 0.11 6.23
CA VAL A 48 -23.12 1.45 6.39
C VAL A 48 -23.22 1.82 7.87
N VAL A 49 -22.11 2.31 8.43
CA VAL A 49 -22.07 2.73 9.82
C VAL A 49 -21.63 4.19 9.88
N TYR A 50 -21.86 4.81 11.03
CA TYR A 50 -21.38 6.15 11.32
C TYR A 50 -20.44 6.06 12.51
N LEU A 51 -19.21 6.54 12.33
CA LEU A 51 -18.19 6.52 13.38
C LEU A 51 -18.23 7.87 14.11
N ASP A 52 -18.86 7.89 15.28
CA ASP A 52 -19.01 9.11 16.07
C ASP A 52 -17.67 9.71 16.46
N LYS A 53 -16.62 8.89 16.55
CA LYS A 53 -15.32 9.41 16.98
C LYS A 53 -14.78 10.46 16.01
N TRP A 54 -15.06 10.32 14.73
CA TRP A 54 -14.52 11.21 13.71
C TRP A 54 -15.57 11.82 12.79
N ASN A 55 -16.86 11.55 13.03
CA ASN A 55 -17.94 12.11 12.21
C ASN A 55 -17.78 11.75 10.74
N VAL A 56 -17.61 10.46 10.48
CA VAL A 56 -17.48 9.95 9.12
C VAL A 56 -18.33 8.70 8.98
N TYR A 57 -18.79 8.46 7.75
CA TYR A 57 -19.45 7.20 7.44
C TYR A 57 -18.41 6.12 7.19
N GLY A 58 -18.80 4.87 7.40
CA GLY A 58 -17.91 3.75 7.19
C GLY A 58 -18.58 2.58 6.51
N VAL A 59 -17.85 1.90 5.63
CA VAL A 59 -18.30 0.68 5.00
C VAL A 59 -17.21 -0.36 5.15
N ALA A 60 -17.57 -1.53 5.68
CA ALA A 60 -16.60 -2.58 6.00
C ALA A 60 -16.85 -3.89 5.27
N ARG A 61 -17.99 -4.05 4.60
CA ARG A 61 -18.26 -5.25 3.82
C ARG A 61 -17.69 -5.12 2.42
N TYR A 62 -17.44 -6.26 1.78
CA TYR A 62 -16.85 -6.25 0.45
C TYR A 62 -17.74 -5.53 -0.55
N ALA A 63 -19.03 -5.86 -0.58
CA ALA A 63 -19.91 -5.34 -1.60
C ALA A 63 -19.91 -3.81 -1.61
N GLU A 64 -20.12 -3.19 -0.44
CA GLU A 64 -20.18 -1.74 -0.38
C GLU A 64 -18.82 -1.12 -0.66
N VAL A 65 -17.75 -1.70 -0.11
CA VAL A 65 -16.42 -1.16 -0.38
C VAL A 65 -16.13 -1.18 -1.87
N HIS A 66 -16.41 -2.31 -2.53
CA HIS A 66 -16.18 -2.39 -3.97
C HIS A 66 -17.08 -1.42 -4.72
N ALA A 67 -18.33 -1.27 -4.28
CA ALA A 67 -19.24 -0.36 -4.97
C ALA A 67 -18.77 1.08 -4.85
N VAL A 68 -18.35 1.50 -3.65
CA VAL A 68 -17.89 2.87 -3.46
C VAL A 68 -16.66 3.14 -4.32
N LEU A 69 -15.72 2.21 -4.34
CA LEU A 69 -14.50 2.40 -5.14
C LEU A 69 -14.82 2.57 -6.61
N ASN A 70 -15.87 1.92 -7.11
CA ASN A 70 -16.21 1.95 -8.52
C ASN A 70 -17.31 2.97 -8.83
N ASP A 71 -17.56 3.91 -7.93
CA ASP A 71 -18.54 4.97 -8.13
C ASP A 71 -17.84 6.31 -7.94
N PRO A 72 -16.91 6.65 -8.85
CA PRO A 72 -16.06 7.84 -8.63
C PRO A 72 -16.78 9.16 -8.80
N THR A 73 -17.89 9.22 -9.53
CA THR A 73 -18.58 10.50 -9.70
C THR A 73 -19.34 10.92 -8.45
N THR A 74 -19.76 9.95 -7.62
CA THR A 74 -20.42 10.26 -6.37
C THR A 74 -19.45 10.30 -5.20
N PHE A 75 -18.56 9.31 -5.12
CA PHE A 75 -17.56 9.23 -4.06
C PHE A 75 -16.23 9.65 -4.67
N CYS A 76 -15.96 10.95 -4.66
CA CYS A 76 -14.83 11.51 -5.36
C CYS A 76 -13.56 11.40 -4.52
N SER A 77 -12.43 11.67 -5.17
CA SER A 77 -11.13 11.72 -4.52
C SER A 77 -10.49 13.10 -4.54
N SER A 78 -11.04 14.04 -5.31
CA SER A 78 -10.43 15.36 -5.44
C SER A 78 -10.52 16.19 -4.17
N ARG A 79 -11.37 15.81 -3.22
CA ARG A 79 -11.43 16.47 -1.92
C ARG A 79 -10.62 15.71 -0.87
N GLY A 80 -9.65 14.90 -1.31
CA GLY A 80 -8.77 14.18 -0.41
C GLY A 80 -9.24 12.76 -0.14
N VAL A 81 -8.30 11.82 -0.06
CA VAL A 81 -8.61 10.45 0.33
C VAL A 81 -8.27 10.20 1.80
N GLY A 82 -7.91 11.25 2.54
CA GLY A 82 -7.80 11.19 3.97
C GLY A 82 -9.07 11.70 4.65
N LEU A 83 -8.99 11.80 5.97
CA LEU A 83 -10.12 12.37 6.71
C LEU A 83 -10.33 13.83 6.34
N SER A 84 -9.25 14.57 6.14
CA SER A 84 -9.36 16.00 5.88
C SER A 84 -10.03 16.26 4.53
N ASP A 85 -10.93 17.24 4.51
CA ASP A 85 -11.67 17.62 3.31
C ASP A 85 -10.97 18.82 2.69
N PHE A 86 -10.38 18.63 1.51
CA PHE A 86 -9.63 19.70 0.87
C PHE A 86 -10.48 20.95 0.62
N LYS A 87 -11.81 20.80 0.56
CA LYS A 87 -12.70 21.94 0.40
C LYS A 87 -12.87 22.73 1.70
N LYS A 88 -12.47 22.15 2.83
CA LYS A 88 -12.58 22.80 4.13
C LYS A 88 -11.24 23.13 4.77
N GLU A 89 -10.23 22.30 4.56
CA GLU A 89 -8.90 22.51 5.12
C GLU A 89 -7.87 22.52 4.01
N LYS A 90 -6.78 23.23 4.26
CA LYS A 90 -5.68 23.25 3.30
C LYS A 90 -4.88 21.95 3.40
N PRO A 91 -4.58 21.29 2.28
CA PRO A 91 -3.77 20.07 2.35
C PRO A 91 -2.39 20.36 2.93
N TRP A 92 -1.85 19.37 3.64
CA TRP A 92 -0.53 19.54 4.24
C TRP A 92 0.57 19.67 3.17
N ARG A 93 0.30 19.22 1.96
CA ARG A 93 1.19 19.37 0.82
C ARG A 93 0.33 19.56 -0.41
N PRO A 94 0.89 20.10 -1.49
CA PRO A 94 0.10 20.28 -2.72
C PRO A 94 -0.56 18.97 -3.11
N PRO A 95 -1.81 19.02 -3.58
CA PRO A 95 -2.53 17.78 -3.86
C PRO A 95 -1.85 16.94 -4.92
N SER A 96 -1.90 15.62 -4.74
CA SER A 96 -1.41 14.70 -5.75
C SER A 96 -2.23 14.83 -7.02
N LEU A 97 -1.55 14.84 -8.17
CA LEU A 97 -2.24 15.01 -9.45
C LEU A 97 -2.96 13.74 -9.91
N ILE A 98 -2.75 12.61 -9.24
CA ILE A 98 -3.38 11.36 -9.62
C ILE A 98 -4.24 10.79 -8.49
N LEU A 99 -3.64 10.60 -7.31
CA LEU A 99 -4.39 10.04 -6.20
C LEU A 99 -5.53 10.96 -5.77
N GLU A 100 -5.27 12.26 -5.69
CA GLU A 100 -6.23 13.22 -5.18
C GLU A 100 -6.89 14.03 -6.28
N ALA A 101 -7.13 13.40 -7.43
CA ALA A 101 -7.84 14.02 -8.55
C ALA A 101 -8.91 13.06 -9.06
N ASP A 102 -9.94 13.64 -9.67
CA ASP A 102 -11.01 12.89 -10.30
C ASP A 102 -10.91 13.02 -11.81
N PRO A 103 -11.48 12.07 -12.57
CA PRO A 103 -11.58 12.25 -14.02
C PRO A 103 -12.33 13.53 -14.33
N PRO A 104 -11.94 14.26 -15.39
CA PRO A 104 -10.90 13.90 -16.35
C PRO A 104 -9.49 14.37 -15.99
N ALA A 105 -9.35 15.24 -14.99
CA ALA A 105 -8.03 15.70 -14.60
C ALA A 105 -7.11 14.53 -14.27
N HIS A 106 -7.66 13.47 -13.70
CA HIS A 106 -6.87 12.31 -13.30
C HIS A 106 -6.36 11.52 -14.49
N THR A 107 -7.03 11.62 -15.64
CA THR A 107 -6.84 10.64 -16.71
C THR A 107 -5.42 10.66 -17.28
N ARG A 108 -4.96 11.83 -17.73
CA ARG A 108 -3.70 11.85 -18.46
C ARG A 108 -2.50 11.61 -17.54
N PRO A 109 -2.47 12.19 -16.34
CA PRO A 109 -1.41 11.80 -15.38
C PRO A 109 -1.44 10.31 -15.07
N ARG A 110 -2.62 9.71 -15.01
CA ARG A 110 -2.72 8.27 -14.80
C ARG A 110 -2.10 7.48 -15.96
N ALA A 111 -2.27 7.98 -17.19
CA ALA A 111 -1.72 7.27 -18.34
C ALA A 111 -0.19 7.34 -18.35
N VAL A 112 0.38 8.48 -17.93
CA VAL A 112 1.83 8.60 -17.88
C VAL A 112 2.40 7.57 -16.91
N LEU A 113 1.93 7.59 -15.66
CA LEU A 113 2.40 6.60 -14.69
C LEU A 113 2.13 5.19 -15.17
N SER A 114 0.99 4.97 -15.82
CA SER A 114 0.67 3.65 -16.35
C SER A 114 1.69 3.22 -17.39
N LYS A 115 2.15 4.15 -18.23
CA LYS A 115 3.16 3.81 -19.24
C LYS A 115 4.54 3.67 -18.62
N VAL A 116 4.88 4.54 -17.68
CA VAL A 116 6.18 4.47 -17.01
C VAL A 116 6.34 3.14 -16.30
N LEU A 117 5.29 2.68 -15.62
CA LEU A 117 5.30 1.42 -14.87
C LEU A 117 4.60 0.31 -15.62
N SER A 118 4.80 0.24 -16.93
CA SER A 118 4.02 -0.62 -17.80
C SER A 118 4.57 -2.04 -17.80
N PRO A 119 3.84 -2.98 -18.41
CA PRO A 119 4.41 -4.32 -18.60
C PRO A 119 5.74 -4.30 -19.33
N ALA A 120 5.84 -3.51 -20.41
CA ALA A 120 7.11 -3.41 -21.13
C ALA A 120 8.23 -2.95 -20.21
N THR A 121 7.93 -2.03 -19.29
CA THR A 121 8.96 -1.54 -18.38
C THR A 121 9.44 -2.64 -17.44
N MET A 122 8.53 -3.49 -16.98
CA MET A 122 8.93 -4.58 -16.08
C MET A 122 10.02 -5.44 -16.71
N LYS A 123 10.00 -5.59 -18.04
CA LYS A 123 11.01 -6.39 -18.71
C LYS A 123 12.41 -5.84 -18.48
N THR A 124 12.55 -4.51 -18.37
CA THR A 124 13.86 -3.90 -18.23
C THR A 124 14.45 -4.06 -16.83
N ILE A 125 13.61 -4.23 -15.80
CA ILE A 125 14.08 -4.28 -14.42
C ILE A 125 14.00 -5.66 -13.81
N ARG A 126 13.29 -6.61 -14.43
CA ARG A 126 13.03 -7.89 -13.77
C ARG A 126 14.32 -8.59 -13.37
N ASP A 127 15.27 -8.72 -14.30
CA ASP A 127 16.48 -9.48 -14.02
C ASP A 127 17.23 -8.89 -12.83
N GLY A 128 17.43 -7.57 -12.83
CA GLY A 128 18.07 -6.92 -11.69
C GLY A 128 17.29 -7.11 -10.40
N PHE A 129 15.96 -6.98 -10.48
CA PHE A 129 15.13 -7.16 -9.29
C PHE A 129 15.20 -8.60 -8.79
N ALA A 130 15.15 -9.58 -9.70
CA ALA A 130 15.24 -10.97 -9.28
C ALA A 130 16.61 -11.30 -8.71
N ALA A 131 17.67 -10.81 -9.34
CA ALA A 131 19.02 -11.04 -8.83
C ALA A 131 19.18 -10.48 -7.42
N ALA A 132 18.70 -9.26 -7.19
CA ALA A 132 18.83 -8.66 -5.87
C ALA A 132 18.09 -9.47 -4.81
N ALA A 133 16.93 -10.03 -5.17
CA ALA A 133 16.20 -10.87 -4.22
C ALA A 133 16.95 -12.14 -3.89
N ASP A 134 17.43 -12.86 -4.92
CA ASP A 134 18.17 -14.08 -4.67
C ASP A 134 19.41 -13.82 -3.82
N ALA A 135 20.12 -12.73 -4.11
CA ALA A 135 21.33 -12.41 -3.34
C ALA A 135 20.98 -12.08 -1.89
N LYS A 136 19.88 -11.35 -1.68
CA LYS A 136 19.52 -10.98 -0.31
C LYS A 136 19.16 -12.21 0.52
N VAL A 137 18.41 -13.15 -0.06
CA VAL A 137 18.03 -14.35 0.68
C VAL A 137 19.28 -15.17 1.02
N ASP A 138 20.19 -15.32 0.06
CA ASP A 138 21.43 -16.03 0.34
C ASP A 138 22.24 -15.33 1.42
N GLU A 139 22.30 -14.00 1.37
CA GLU A 139 22.98 -13.25 2.42
C GLU A 139 22.35 -13.51 3.79
N LEU A 140 21.02 -13.50 3.85
CA LEU A 140 20.35 -13.69 5.13
C LEU A 140 20.50 -15.11 5.64
N LEU A 141 20.63 -16.08 4.74
CA LEU A 141 20.84 -17.46 5.17
C LEU A 141 22.22 -17.65 5.80
N GLN A 142 23.20 -16.87 5.38
CA GLN A 142 24.51 -16.93 6.02
C GLN A 142 24.46 -16.37 7.43
N ARG A 143 23.52 -15.47 7.71
CA ARG A 143 23.37 -14.93 9.06
C ARG A 143 22.51 -15.85 9.93
N GLY A 144 21.48 -16.45 9.35
CA GLY A 144 20.61 -17.36 10.10
C GLY A 144 19.47 -16.66 10.80
N CYS A 145 19.79 -15.94 11.89
CA CYS A 145 18.79 -15.21 12.67
C CYS A 145 18.84 -13.75 12.25
N ILE A 146 17.76 -13.27 11.63
CA ILE A 146 17.69 -11.91 11.09
C ILE A 146 16.36 -11.30 11.46
N ASP A 147 16.23 -10.00 11.19
CA ASP A 147 14.99 -9.27 11.36
C ASP A 147 14.31 -9.18 9.99
N ALA A 148 13.19 -9.88 9.83
CA ALA A 148 12.52 -9.91 8.53
C ALA A 148 12.05 -8.54 8.08
N ILE A 149 11.97 -7.56 8.98
CA ILE A 149 11.58 -6.21 8.59
C ILE A 149 12.82 -5.45 8.14
N ALA A 150 13.69 -5.09 9.09
CA ALA A 150 14.85 -4.27 8.76
C ALA A 150 15.73 -4.93 7.70
N ASP A 151 16.00 -6.22 7.87
CA ASP A 151 16.97 -6.92 7.02
C ASP A 151 16.36 -7.50 5.75
N LEU A 152 15.05 -7.44 5.57
CA LEU A 152 14.44 -8.06 4.40
C LEU A 152 13.32 -7.20 3.84
N ALA A 153 12.26 -6.97 4.63
CA ALA A 153 11.14 -6.19 4.14
C ALA A 153 11.58 -4.78 3.73
N GLU A 154 12.52 -4.21 4.46
CA GLU A 154 13.03 -2.88 4.13
C GLU A 154 14.29 -2.94 3.27
N ALA A 155 15.20 -3.85 3.58
CA ALA A 155 16.50 -3.88 2.89
C ALA A 155 16.33 -4.13 1.40
N TYR A 156 15.49 -5.11 1.02
CA TYR A 156 15.35 -5.42 -0.41
C TYR A 156 14.73 -4.27 -1.18
N PRO A 157 13.55 -3.76 -0.81
CA PRO A 157 13.02 -2.60 -1.53
C PRO A 157 14.00 -1.43 -1.62
N LEU A 158 14.72 -1.15 -0.52
CA LEU A 158 15.70 -0.08 -0.56
C LEU A 158 16.83 -0.37 -1.55
N SER A 159 17.11 -1.65 -1.81
CA SER A 159 18.21 -2.01 -2.69
C SER A 159 17.84 -1.96 -4.17
N VAL A 160 16.56 -1.85 -4.51
CA VAL A 160 16.17 -1.91 -5.91
C VAL A 160 15.35 -0.69 -6.33
N PHE A 161 14.42 -0.24 -5.47
CA PHE A 161 13.48 0.78 -5.91
C PHE A 161 14.13 2.16 -6.02
N PRO A 162 14.87 2.65 -5.03
CA PRO A 162 15.55 3.94 -5.21
C PRO A 162 16.39 4.02 -6.47
N ASP A 163 17.08 2.94 -6.83
CA ASP A 163 17.85 2.93 -8.07
C ASP A 163 16.93 2.90 -9.29
N ALA A 164 15.86 2.11 -9.22
CA ALA A 164 14.91 2.07 -10.33
C ALA A 164 14.33 3.46 -10.59
N MET A 165 14.07 4.22 -9.53
CA MET A 165 13.63 5.60 -9.68
C MET A 165 14.71 6.47 -10.31
N GLY A 166 15.98 6.07 -10.22
CA GLY A 166 17.06 6.91 -10.65
C GLY A 166 17.47 7.95 -9.64
N LEU A 167 17.29 7.68 -8.36
CA LEU A 167 17.64 8.63 -7.32
C LEU A 167 19.14 8.57 -7.03
N LYS A 168 19.68 9.72 -6.63
N LYS A 168 19.70 9.72 -6.65
CA LYS A 168 21.05 9.79 -6.16
CA LYS A 168 21.08 9.72 -6.21
C LYS A 168 21.19 9.08 -4.82
C LYS A 168 21.20 9.05 -4.85
N GLN A 169 22.44 8.84 -4.41
CA GLN A 169 22.66 8.19 -3.13
C GLN A 169 22.34 9.12 -1.96
N GLU A 170 22.77 10.37 -2.05
CA GLU A 170 22.62 11.30 -0.93
C GLU A 170 21.16 11.56 -0.64
N GLY A 171 20.78 11.39 0.63
CA GLY A 171 19.45 11.75 1.10
C GLY A 171 18.46 10.62 1.18
N ARG A 172 18.82 9.42 0.73
CA ARG A 172 17.86 8.32 0.71
C ARG A 172 17.34 7.98 2.10
N GLU A 173 18.03 8.39 3.16
CA GLU A 173 17.53 8.14 4.51
C GLU A 173 16.21 8.85 4.79
N HIS A 174 15.80 9.79 3.93
CA HIS A 174 14.53 10.49 4.08
C HIS A 174 13.36 9.75 3.46
N LEU A 175 13.61 8.71 2.66
CA LEU A 175 12.54 8.10 1.88
C LEU A 175 11.49 7.45 2.78
N LEU A 176 11.92 6.58 3.70
CA LEU A 176 10.94 5.92 4.56
C LEU A 176 10.29 6.90 5.52
N PRO A 177 11.02 7.78 6.21
CA PRO A 177 10.35 8.81 7.03
C PRO A 177 9.30 9.60 6.26
N TYR A 178 9.58 10.00 5.02
CA TYR A 178 8.60 10.74 4.24
C TYR A 178 7.37 9.88 3.97
N ALA A 179 7.57 8.61 3.61
CA ALA A 179 6.44 7.72 3.36
C ALA A 179 5.57 7.56 4.62
N GLY A 180 6.20 7.30 5.76
CA GLY A 180 5.44 7.20 6.99
C GLY A 180 4.60 8.44 7.26
N LEU A 181 5.15 9.61 6.96
CA LEU A 181 4.39 10.85 7.09
C LEU A 181 3.21 10.86 6.13
N VAL A 182 3.44 10.52 4.87
CA VAL A 182 2.38 10.56 3.86
C VAL A 182 1.18 9.74 4.33
N PHE A 183 1.43 8.49 4.76
CA PHE A 183 0.33 7.60 5.09
C PHE A 183 -0.27 7.91 6.46
N ASN A 184 0.51 8.45 7.39
CA ASN A 184 -0.08 8.94 8.63
C ASN A 184 -0.98 10.14 8.38
N ALA A 185 -0.66 10.96 7.38
CA ALA A 185 -1.43 12.17 7.13
C ALA A 185 -2.79 11.88 6.51
N PHE A 186 -3.01 10.69 5.96
CA PHE A 186 -4.35 10.32 5.52
C PHE A 186 -5.29 10.11 6.70
N GLY A 187 -4.77 9.95 7.90
CA GLY A 187 -5.58 9.66 9.07
C GLY A 187 -6.13 10.90 9.74
N PRO A 188 -6.88 10.72 10.82
CA PRO A 188 -7.42 11.86 11.55
C PRO A 188 -6.32 12.60 12.28
N PRO A 189 -6.60 13.80 12.80
CA PRO A 189 -5.57 14.55 13.51
C PRO A 189 -5.28 13.97 14.88
N ASN A 190 -4.89 12.70 14.94
CA ASN A 190 -4.47 12.09 16.20
C ASN A 190 -2.96 12.32 16.38
N GLU A 191 -2.40 11.75 17.45
CA GLU A 191 -1.00 12.01 17.75
C GLU A 191 -0.08 11.51 16.64
N LEU A 192 -0.40 10.35 16.05
CA LEU A 192 0.40 9.82 14.97
C LEU A 192 0.56 10.84 13.84
N ARG A 193 -0.55 11.47 13.45
CA ARG A 193 -0.50 12.41 12.33
C ARG A 193 0.24 13.69 12.71
N GLN A 194 -0.08 14.25 13.88
CA GLN A 194 0.56 15.52 14.28
C GLN A 194 2.05 15.35 14.47
N THR A 195 2.49 14.24 15.06
CA THR A 195 3.91 14.01 15.21
C THR A 195 4.59 13.87 13.85
N ALA A 196 3.90 13.26 12.89
CA ALA A 196 4.49 13.07 11.57
C ALA A 196 4.60 14.39 10.81
N ILE A 197 3.55 15.22 10.86
CA ILE A 197 3.59 16.47 10.11
C ILE A 197 4.52 17.47 10.79
N GLU A 198 4.59 17.46 12.12
CA GLU A 198 5.42 18.41 12.83
C GLU A 198 6.89 18.19 12.49
N ARG A 199 7.55 19.25 12.04
CA ARG A 199 8.98 19.21 11.71
C ARG A 199 9.28 18.23 10.56
N SER A 200 8.33 18.05 9.65
CA SER A 200 8.54 17.21 8.49
C SER A 200 9.21 17.95 7.34
N ALA A 201 9.45 19.26 7.47
CA ALA A 201 10.04 20.03 6.39
C ALA A 201 11.30 19.41 5.81
N PRO A 202 12.23 18.87 6.61
CA PRO A 202 13.43 18.26 6.00
C PRO A 202 13.12 17.08 5.09
N HIS A 203 12.13 16.27 5.45
CA HIS A 203 11.73 15.18 4.56
C HIS A 203 11.10 15.72 3.28
N GLN A 204 10.23 16.72 3.39
CA GLN A 204 9.60 17.31 2.22
C GLN A 204 10.64 17.95 1.31
N ALA A 205 11.58 18.70 1.88
CA ALA A 205 12.59 19.38 1.07
C ALA A 205 13.41 18.38 0.26
N TYR A 206 13.78 17.25 0.87
CA TYR A 206 14.55 16.25 0.14
C TYR A 206 13.75 15.70 -1.03
N VAL A 207 12.53 15.22 -0.77
CA VAL A 207 11.72 14.61 -1.83
C VAL A 207 11.48 15.61 -2.96
N ASN A 208 10.96 16.79 -2.62
CA ASN A 208 10.67 17.78 -3.64
C ASN A 208 11.89 18.10 -4.48
N GLU A 209 13.08 18.12 -3.85
CA GLU A 209 14.30 18.38 -4.60
C GLU A 209 14.58 17.25 -5.58
N GLN A 210 14.45 16.00 -5.14
CA GLN A 210 14.72 14.87 -6.01
C GLN A 210 13.69 14.75 -7.15
N CYS A 211 12.55 15.43 -7.03
CA CYS A 211 11.54 15.39 -8.08
C CYS A 211 11.92 16.25 -9.28
N GLN A 212 12.93 17.10 -9.17
CA GLN A 212 13.32 17.96 -10.28
C GLN A 212 14.16 17.18 -11.28
N ARG A 213 13.96 17.47 -12.56
CA ARG A 213 14.56 16.68 -13.62
C ARG A 213 16.08 16.52 -13.52
N PRO A 214 16.85 17.56 -13.18
CA PRO A 214 18.31 17.38 -13.12
C PRO A 214 18.77 16.33 -12.13
N ASN A 215 17.95 15.99 -11.13
CA ASN A 215 18.35 15.08 -10.06
C ASN A 215 17.94 13.64 -10.31
N LEU A 216 17.34 13.33 -11.44
CA LEU A 216 16.85 11.99 -11.75
C LEU A 216 17.69 11.38 -12.86
N ALA A 217 18.24 10.20 -12.61
CA ALA A 217 19.15 9.57 -13.56
C ALA A 217 18.40 9.15 -14.83
N PRO A 218 18.92 9.48 -16.01
CA PRO A 218 18.27 9.03 -17.24
C PRO A 218 18.05 7.52 -17.24
N GLY A 219 16.91 7.10 -17.77
CA GLY A 219 16.54 5.71 -17.81
C GLY A 219 15.70 5.24 -16.64
N GLY A 220 15.65 6.02 -15.54
CA GLY A 220 14.86 5.63 -14.39
C GLY A 220 13.42 6.12 -14.48
N PHE A 221 12.62 5.69 -13.50
CA PHE A 221 11.21 6.07 -13.49
C PHE A 221 11.04 7.57 -13.46
N GLY A 222 11.85 8.26 -12.66
CA GLY A 222 11.73 9.72 -12.57
C GLY A 222 11.98 10.41 -13.89
N ALA A 223 13.13 10.11 -14.51
CA ALA A 223 13.45 10.71 -15.80
C ALA A 223 12.38 10.37 -16.84
N CYS A 224 11.91 9.13 -16.85
CA CYS A 224 10.90 8.73 -17.82
CA CYS A 224 10.90 8.73 -17.82
C CYS A 224 9.62 9.55 -17.66
N ILE A 225 9.26 9.88 -16.41
CA ILE A 225 8.10 10.75 -16.19
C ILE A 225 8.32 12.09 -16.86
N HIS A 226 9.49 12.71 -16.61
CA HIS A 226 9.80 13.99 -17.24
C HIS A 226 9.84 13.88 -18.76
N ALA A 227 10.27 12.73 -19.29
CA ALA A 227 10.31 12.55 -20.73
C ALA A 227 8.92 12.62 -21.35
N PHE A 228 7.88 12.29 -20.58
CA PHE A 228 6.53 12.34 -21.11
C PHE A 228 5.99 13.76 -21.22
N THR A 229 6.68 14.76 -20.68
CA THR A 229 6.24 16.13 -20.89
C THR A 229 6.29 16.53 -22.36
N ASP A 230 7.11 15.84 -23.17
CA ASP A 230 7.19 16.12 -24.60
C ASP A 230 5.91 15.73 -25.34
N THR A 231 5.13 14.79 -24.80
CA THR A 231 4.01 14.21 -25.51
C THR A 231 2.73 15.03 -25.43
N GLY A 232 2.66 15.99 -24.50
CA GLY A 232 1.42 16.69 -24.24
C GLY A 232 0.52 16.05 -23.21
N GLU A 233 0.92 14.91 -22.65
CA GLU A 233 0.09 14.25 -21.64
C GLU A 233 0.21 14.95 -20.29
N ILE A 234 1.40 15.40 -19.92
CA ILE A 234 1.61 16.23 -18.74
C ILE A 234 2.52 17.39 -19.12
N THR A 235 2.34 18.52 -18.44
CA THR A 235 3.22 19.66 -18.65
C THR A 235 4.48 19.52 -17.81
N PRO A 236 5.54 20.23 -18.16
CA PRO A 236 6.78 20.15 -17.37
C PRO A 236 6.57 20.41 -15.89
N ASP A 237 5.67 21.33 -15.53
CA ASP A 237 5.44 21.62 -14.12
C ASP A 237 4.60 20.55 -13.41
N GLU A 238 4.00 19.62 -14.15
CA GLU A 238 3.29 18.51 -13.53
C GLU A 238 4.21 17.33 -13.23
N ALA A 239 5.30 17.19 -13.98
CA ALA A 239 6.17 16.03 -13.82
C ALA A 239 6.74 15.88 -12.41
N PRO A 240 7.22 16.93 -11.76
CA PRO A 240 7.73 16.75 -10.39
C PRO A 240 6.70 16.16 -9.44
N LEU A 241 5.45 16.62 -9.53
CA LEU A 241 4.42 16.08 -8.64
C LEU A 241 4.13 14.62 -8.93
N LEU A 242 4.28 14.18 -10.18
CA LEU A 242 4.10 12.76 -10.48
C LEU A 242 5.26 11.93 -9.96
N VAL A 243 6.48 12.43 -10.12
CA VAL A 243 7.62 11.78 -9.45
C VAL A 243 7.37 11.68 -7.95
N ARG A 244 6.81 12.74 -7.36
CA ARG A 244 6.50 12.71 -5.94
C ARG A 244 5.54 11.58 -5.60
N SER A 245 4.58 11.31 -6.48
CA SER A 245 3.65 10.20 -6.26
C SER A 245 4.40 8.90 -6.07
N LEU A 246 5.32 8.58 -7.00
CA LEU A 246 6.07 7.33 -6.90
C LEU A 246 6.96 7.33 -5.66
N LEU A 247 7.55 8.48 -5.32
CA LEU A 247 8.38 8.54 -4.13
C LEU A 247 7.55 8.46 -2.86
N SER A 248 6.25 8.73 -2.95
CA SER A 248 5.35 8.63 -1.79
C SER A 248 4.81 7.22 -1.60
N ALA A 249 4.48 6.54 -2.69
CA ALA A 249 3.73 5.28 -2.63
C ALA A 249 4.55 4.07 -3.05
N GLY A 250 5.71 4.25 -3.69
CA GLY A 250 6.41 3.14 -4.29
C GLY A 250 7.27 2.30 -3.36
N LEU A 251 7.58 2.79 -2.16
CA LEU A 251 8.54 2.13 -1.28
C LEU A 251 7.86 1.54 -0.05
N ASP A 252 7.31 2.38 0.83
CA ASP A 252 6.76 1.89 2.09
C ASP A 252 5.70 0.82 1.85
N THR A 253 4.89 0.97 0.80
CA THR A 253 3.89 -0.03 0.48
C THR A 253 4.51 -1.41 0.30
N THR A 254 5.54 -1.50 -0.53
CA THR A 254 6.18 -2.79 -0.79
C THR A 254 6.87 -3.33 0.45
N VAL A 255 7.38 -2.47 1.33
CA VAL A 255 7.97 -2.92 2.57
C VAL A 255 6.95 -3.71 3.38
N ASN A 256 5.77 -3.12 3.61
CA ASN A 256 4.74 -3.81 4.37
C ASN A 256 4.10 -4.93 3.57
N GLY A 257 4.14 -4.86 2.24
CA GLY A 257 3.65 -5.97 1.44
C GLY A 257 4.53 -7.20 1.56
N ILE A 258 5.85 -7.02 1.39
CA ILE A 258 6.78 -8.13 1.55
C ILE A 258 6.81 -8.59 3.00
N GLY A 259 6.80 -7.65 3.94
CA GLY A 259 6.74 -8.03 5.34
C GLY A 259 5.52 -8.87 5.67
N ALA A 260 4.37 -8.52 5.08
CA ALA A 260 3.17 -9.32 5.30
C ALA A 260 3.33 -10.73 4.77
N ALA A 261 3.90 -10.87 3.58
CA ALA A 261 4.09 -12.20 2.99
C ALA A 261 4.98 -13.05 3.88
N VAL A 262 6.13 -12.51 4.30
CA VAL A 262 7.03 -13.27 5.17
C VAL A 262 6.32 -13.61 6.48
N TYR A 263 5.57 -12.65 7.04
CA TYR A 263 4.84 -12.91 8.27
C TYR A 263 3.85 -14.06 8.09
N CYS A 264 3.13 -14.07 6.96
CA CYS A 264 2.22 -15.18 6.67
C CYS A 264 2.98 -16.49 6.55
N LEU A 265 4.04 -16.50 5.74
CA LEU A 265 4.82 -17.73 5.58
C LEU A 265 5.41 -18.20 6.91
N ALA A 266 5.73 -17.27 7.81
CA ALA A 266 6.23 -17.68 9.13
C ALA A 266 5.13 -18.31 9.97
N ARG A 267 3.88 -17.88 9.80
CA ARG A 267 2.78 -18.37 10.61
C ARG A 267 2.09 -19.60 10.03
N PHE A 268 2.22 -19.83 8.72
CA PHE A 268 1.56 -20.95 8.04
C PHE A 268 2.65 -21.82 7.41
N PRO A 269 3.33 -22.66 8.20
CA PRO A 269 4.39 -23.50 7.62
C PRO A 269 3.89 -24.39 6.50
N GLY A 270 2.64 -24.86 6.58
CA GLY A 270 2.10 -25.67 5.49
C GLY A 270 2.12 -24.93 4.16
N GLU A 271 1.87 -23.62 4.19
CA GLU A 271 1.86 -22.85 2.96
C GLU A 271 3.26 -22.55 2.45
N LEU A 272 4.24 -22.38 3.34
CA LEU A 272 5.62 -22.28 2.90
C LEU A 272 6.06 -23.56 2.21
N GLN A 273 5.62 -24.71 2.72
CA GLN A 273 6.00 -25.98 2.13
CA GLN A 273 6.01 -25.98 2.12
C GLN A 273 5.35 -26.18 0.76
N ARG A 274 4.09 -25.76 0.61
CA ARG A 274 3.48 -25.79 -0.71
C ARG A 274 4.22 -24.86 -1.67
N LEU A 275 4.58 -23.68 -1.20
CA LEU A 275 5.35 -22.75 -2.04
C LEU A 275 6.69 -23.36 -2.44
N ARG A 276 7.39 -23.99 -1.50
CA ARG A 276 8.65 -24.65 -1.83
C ARG A 276 8.46 -25.68 -2.94
N SER A 277 7.38 -26.47 -2.85
N SER A 277 7.38 -26.47 -2.85
CA SER A 277 7.16 -27.54 -3.82
CA SER A 277 7.16 -27.54 -3.82
C SER A 277 6.84 -27.01 -5.22
C SER A 277 6.86 -27.00 -5.21
N ASP A 278 6.37 -25.76 -5.32
CA ASP A 278 6.05 -25.17 -6.62
C ASP A 278 6.33 -23.69 -6.56
N PRO A 279 7.57 -23.27 -6.83
CA PRO A 279 7.89 -21.83 -6.76
C PRO A 279 7.08 -20.97 -7.71
N THR A 280 6.42 -21.55 -8.72
CA THR A 280 5.59 -20.73 -9.60
C THR A 280 4.36 -20.18 -8.89
N LEU A 281 4.07 -20.64 -7.67
CA LEU A 281 3.02 -20.05 -6.85
C LEU A 281 3.46 -18.77 -6.15
N ALA A 282 4.70 -18.31 -6.40
CA ALA A 282 5.21 -17.14 -5.68
C ALA A 282 4.32 -15.93 -5.90
N ARG A 283 3.95 -15.66 -7.16
CA ARG A 283 3.18 -14.45 -7.46
C ARG A 283 1.84 -14.47 -6.76
N ASN A 284 1.12 -15.60 -6.81
CA ASN A 284 -0.16 -15.68 -6.13
C ASN A 284 -0.01 -15.81 -4.61
N ALA A 285 1.14 -16.32 -4.14
CA ALA A 285 1.39 -16.31 -2.71
C ALA A 285 1.53 -14.88 -2.20
N PHE A 286 2.13 -14.00 -2.99
CA PHE A 286 2.24 -12.60 -2.61
C PHE A 286 0.89 -11.90 -2.69
N GLU A 287 0.11 -12.19 -3.74
CA GLU A 287 -1.20 -11.58 -3.88
C GLU A 287 -2.10 -11.95 -2.70
N GLU A 288 -2.07 -13.22 -2.28
CA GLU A 288 -2.86 -13.66 -1.13
C GLU A 288 -2.42 -12.94 0.14
N ALA A 289 -1.11 -12.72 0.29
CA ALA A 289 -0.64 -11.95 1.44
C ALA A 289 -1.21 -10.54 1.43
N VAL A 290 -1.32 -9.94 0.24
CA VAL A 290 -1.92 -8.61 0.14
C VAL A 290 -3.37 -8.65 0.60
N ARG A 291 -4.12 -9.68 0.19
CA ARG A 291 -5.49 -9.82 0.69
C ARG A 291 -5.49 -10.09 2.19
N PHE A 292 -4.72 -11.09 2.62
CA PHE A 292 -4.79 -11.55 4.00
C PHE A 292 -4.45 -10.43 4.98
N GLU A 293 -3.34 -9.74 4.75
CA GLU A 293 -2.92 -8.66 5.63
C GLU A 293 -3.43 -7.29 5.19
N SER A 294 -3.59 -7.07 3.89
CA SER A 294 -3.99 -5.78 3.37
C SER A 294 -3.08 -4.69 3.95
N PRO A 295 -1.85 -4.57 3.46
CA PRO A 295 -0.93 -3.57 4.01
C PRO A 295 -1.47 -2.15 3.94
N VAL A 296 -2.33 -1.86 2.97
CA VAL A 296 -3.04 -0.59 2.89
C VAL A 296 -4.44 -0.86 3.43
N GLN A 297 -4.71 -0.35 4.63
CA GLN A 297 -5.90 -0.74 5.37
C GLN A 297 -7.13 0.05 4.95
N THR A 298 -7.00 1.36 4.76
CA THR A 298 -8.16 2.22 4.59
C THR A 298 -7.85 3.36 3.64
N PHE A 299 -8.91 3.88 3.03
CA PHE A 299 -8.87 5.15 2.31
C PHE A 299 -10.24 5.80 2.41
N PHE A 300 -10.26 7.11 2.25
CA PHE A 300 -11.50 7.89 2.32
C PHE A 300 -11.96 8.29 0.92
N ARG A 301 -13.26 8.50 0.80
CA ARG A 301 -13.86 9.22 -0.31
C ARG A 301 -14.77 10.30 0.25
N THR A 302 -15.08 11.30 -0.58
CA THR A 302 -15.97 12.38 -0.19
C THR A 302 -17.16 12.41 -1.16
N THR A 303 -18.37 12.43 -0.59
CA THR A 303 -19.57 12.42 -1.42
C THR A 303 -19.74 13.77 -2.11
N THR A 304 -20.03 13.73 -3.42
CA THR A 304 -20.28 14.93 -4.21
C THR A 304 -21.76 15.28 -4.26
N ARG A 305 -22.62 14.46 -3.69
CA ARG A 305 -24.06 14.66 -3.74
C ARG A 305 -24.69 13.74 -2.71
N GLU A 306 -25.96 14.03 -2.39
CA GLU A 306 -26.72 13.10 -1.56
C GLU A 306 -26.83 11.76 -2.26
N VAL A 307 -26.53 10.69 -1.54
CA VAL A 307 -26.47 9.36 -2.13
C VAL A 307 -27.01 8.33 -1.15
N GLU A 308 -27.70 7.33 -1.67
CA GLU A 308 -28.18 6.21 -0.88
C GLU A 308 -27.19 5.07 -1.00
N LEU A 309 -26.73 4.56 0.15
CA LEU A 309 -25.76 3.47 0.20
C LEU A 309 -26.17 2.53 1.32
N GLY A 310 -26.46 1.27 0.96
CA GLY A 310 -26.89 0.29 1.94
C GLY A 310 -28.09 0.75 2.74
N GLY A 311 -29.11 1.28 2.06
CA GLY A 311 -30.30 1.77 2.71
C GLY A 311 -30.12 3.03 3.52
N ALA A 312 -28.92 3.60 3.56
CA ALA A 312 -28.64 4.83 4.29
C ALA A 312 -28.49 5.99 3.33
N VAL A 313 -29.05 7.14 3.70
CA VAL A 313 -28.99 8.35 2.88
C VAL A 313 -27.88 9.22 3.43
N ILE A 314 -26.78 9.33 2.67
CA ILE A 314 -25.64 10.15 3.04
C ILE A 314 -25.74 11.48 2.31
N GLY A 315 -25.55 12.58 3.05
CA GLY A 315 -25.60 13.90 2.46
C GLY A 315 -24.36 14.20 1.63
N GLU A 316 -24.38 15.37 1.01
CA GLU A 316 -23.25 15.83 0.23
C GLU A 316 -22.10 16.27 1.13
N GLY A 317 -20.89 16.17 0.61
CA GLY A 317 -19.73 16.63 1.36
C GLY A 317 -19.41 15.82 2.59
N GLU A 318 -19.80 14.55 2.62
CA GLU A 318 -19.54 13.66 3.75
C GLU A 318 -18.34 12.78 3.45
N LYS A 319 -17.52 12.53 4.46
CA LYS A 319 -16.41 11.61 4.33
C LYS A 319 -16.89 10.18 4.56
N VAL A 320 -16.39 9.26 3.74
CA VAL A 320 -16.77 7.86 3.79
C VAL A 320 -15.49 7.03 3.87
N LEU A 321 -15.33 6.29 4.95
CA LEU A 321 -14.11 5.52 5.20
C LEU A 321 -14.31 4.09 4.71
N MET A 322 -13.44 3.67 3.80
CA MET A 322 -13.48 2.32 3.23
C MET A 322 -12.47 1.44 3.96
N PHE A 323 -12.95 0.33 4.52
CA PHE A 323 -12.08 -0.61 5.23
C PHE A 323 -11.68 -1.70 4.25
N LEU A 324 -10.60 -1.44 3.50
CA LEU A 324 -10.14 -2.40 2.49
C LEU A 324 -9.79 -3.74 3.12
N GLY A 325 -9.12 -3.71 4.27
CA GLY A 325 -8.74 -4.95 4.92
C GLY A 325 -9.95 -5.77 5.36
N SER A 326 -10.95 -5.09 5.94
CA SER A 326 -12.17 -5.78 6.30
C SER A 326 -12.87 -6.36 5.08
N ALA A 327 -12.92 -5.60 3.99
CA ALA A 327 -13.54 -6.11 2.76
C ALA A 327 -12.83 -7.36 2.26
N ASN A 328 -11.51 -7.43 2.43
CA ASN A 328 -10.74 -8.60 1.98
C ASN A 328 -10.90 -9.80 2.90
N ARG A 329 -11.55 -9.64 4.06
CA ARG A 329 -11.82 -10.74 4.97
C ARG A 329 -13.31 -10.96 5.19
N ASP A 330 -14.16 -10.35 4.37
CA ASP A 330 -15.60 -10.45 4.52
C ASP A 330 -16.08 -11.88 4.22
N PRO A 331 -16.61 -12.61 5.21
CA PRO A 331 -17.06 -13.98 4.92
C PRO A 331 -18.22 -14.03 3.94
N ARG A 332 -18.92 -12.92 3.72
CA ARG A 332 -19.96 -12.87 2.70
C ARG A 332 -19.39 -13.04 1.30
N ARG A 333 -18.09 -12.85 1.13
CA ARG A 333 -17.43 -12.92 -0.17
C ARG A 333 -16.32 -13.95 -0.23
N TRP A 334 -15.60 -14.19 0.87
CA TRP A 334 -14.45 -15.07 0.90
C TRP A 334 -14.76 -16.30 1.75
N SER A 335 -14.40 -17.47 1.23
CA SER A 335 -14.42 -18.69 2.04
C SER A 335 -13.17 -18.74 2.90
N ASP A 336 -13.35 -19.11 4.16
CA ASP A 336 -12.25 -19.17 5.12
C ASP A 336 -11.39 -17.91 5.03
N PRO A 337 -11.99 -16.72 5.21
CA PRO A 337 -11.24 -15.48 4.97
C PRO A 337 -10.03 -15.32 5.86
N ASP A 338 -10.01 -15.94 7.05
CA ASP A 338 -8.91 -15.79 7.98
C ASP A 338 -7.81 -16.82 7.76
N LEU A 339 -7.84 -17.56 6.65
CA LEU A 339 -6.82 -18.54 6.33
C LEU A 339 -5.98 -18.03 5.17
N TYR A 340 -4.65 -18.13 5.34
CA TYR A 340 -3.72 -17.82 4.26
C TYR A 340 -3.65 -19.03 3.32
N ASP A 341 -4.04 -18.82 2.06
CA ASP A 341 -4.13 -19.90 1.08
C ASP A 341 -3.50 -19.41 -0.22
N ILE A 342 -2.29 -19.88 -0.52
CA ILE A 342 -1.55 -19.38 -1.68
C ILE A 342 -2.11 -19.86 -3.00
N THR A 343 -3.05 -20.81 -3.00
CA THR A 343 -3.75 -21.21 -4.21
C THR A 343 -5.14 -20.61 -4.28
N ARG A 344 -5.48 -19.70 -3.39
CA ARG A 344 -6.78 -19.05 -3.44
C ARG A 344 -6.92 -18.23 -4.72
N LYS A 345 -8.14 -18.22 -5.27
CA LYS A 345 -8.48 -17.31 -6.36
C LYS A 345 -8.66 -15.92 -5.77
N THR A 346 -7.59 -15.11 -5.82
CA THR A 346 -7.56 -13.83 -5.15
C THR A 346 -8.17 -12.69 -5.98
N SER A 347 -8.52 -12.95 -7.23
N SER A 347 -8.51 -12.95 -7.24
CA SER A 347 -9.07 -11.90 -8.08
CA SER A 347 -9.09 -11.91 -8.08
C SER A 347 -10.31 -11.29 -7.43
C SER A 347 -10.31 -11.29 -7.40
N GLY A 348 -10.36 -9.96 -7.39
CA GLY A 348 -11.46 -9.24 -6.78
C GLY A 348 -11.14 -8.64 -5.42
N HIS A 349 -10.05 -9.07 -4.78
CA HIS A 349 -9.64 -8.43 -3.55
C HIS A 349 -9.34 -6.95 -3.83
N VAL A 350 -9.43 -6.13 -2.78
CA VAL A 350 -9.31 -4.69 -2.94
C VAL A 350 -8.06 -4.16 -2.25
N GLY A 351 -7.05 -5.02 -2.09
CA GLY A 351 -5.79 -4.59 -1.50
C GLY A 351 -5.04 -3.58 -2.36
N PHE A 352 -5.25 -3.62 -3.67
CA PHE A 352 -4.70 -2.63 -4.59
C PHE A 352 -5.73 -1.61 -5.03
N GLY A 353 -6.90 -1.60 -4.41
CA GLY A 353 -7.99 -0.74 -4.85
C GLY A 353 -8.81 -1.40 -5.93
N SER A 354 -9.64 -0.58 -6.58
CA SER A 354 -10.50 -1.05 -7.65
C SER A 354 -11.08 0.16 -8.37
N GLY A 355 -11.15 0.05 -9.70
CA GLY A 355 -11.69 1.14 -10.49
C GLY A 355 -10.64 2.03 -11.11
N VAL A 356 -10.99 3.31 -11.32
CA VAL A 356 -10.09 4.21 -12.04
C VAL A 356 -8.81 4.47 -11.26
N HIS A 357 -8.81 4.31 -9.95
CA HIS A 357 -7.65 4.61 -9.12
C HIS A 357 -6.86 3.37 -8.72
N MET A 358 -7.21 2.20 -9.25
CA MET A 358 -6.52 0.98 -8.85
C MET A 358 -5.01 1.15 -9.02
N CYS A 359 -4.26 0.63 -8.04
CA CYS A 359 -2.83 0.86 -7.93
C CYS A 359 -2.13 0.81 -9.28
N VAL A 360 -1.65 1.96 -9.75
CA VAL A 360 -0.94 2.02 -11.01
C VAL A 360 0.44 1.38 -10.91
N GLY A 361 0.97 1.22 -9.70
CA GLY A 361 2.27 0.60 -9.53
C GLY A 361 2.19 -0.87 -9.18
N GLN A 362 1.05 -1.50 -9.47
CA GLN A 362 0.82 -2.87 -9.02
C GLN A 362 1.77 -3.88 -9.68
N LEU A 363 2.28 -3.57 -10.87
CA LEU A 363 3.24 -4.47 -11.50
C LEU A 363 4.59 -4.42 -10.80
N VAL A 364 4.99 -3.24 -10.32
CA VAL A 364 6.22 -3.12 -9.55
C VAL A 364 6.09 -3.85 -8.21
N ALA A 365 4.97 -3.66 -7.52
CA ALA A 365 4.75 -4.34 -6.25
C ALA A 365 4.78 -5.85 -6.43
N ARG A 366 3.99 -6.36 -7.39
CA ARG A 366 3.95 -7.80 -7.62
C ARG A 366 5.30 -8.34 -8.06
N LEU A 367 6.03 -7.57 -8.86
CA LEU A 367 7.36 -8.03 -9.29
C LEU A 367 8.29 -8.20 -8.09
N GLU A 368 8.34 -7.19 -7.21
CA GLU A 368 9.15 -7.30 -6.00
C GLU A 368 8.69 -8.47 -5.14
N GLY A 369 7.38 -8.59 -4.94
CA GLY A 369 6.86 -9.66 -4.10
C GLY A 369 7.14 -11.03 -4.70
N GLU A 370 6.89 -11.18 -6.01
CA GLU A 370 7.10 -12.46 -6.66
C GLU A 370 8.55 -12.91 -6.54
N VAL A 371 9.49 -12.04 -6.93
CA VAL A 371 10.90 -12.46 -6.99
C VAL A 371 11.44 -12.74 -5.59
N MET A 372 10.94 -12.06 -4.57
CA MET A 372 11.39 -12.35 -3.22
C MET A 372 10.82 -13.68 -2.72
N LEU A 373 9.53 -13.92 -2.98
CA LEU A 373 8.95 -15.21 -2.57
C LEU A 373 9.53 -16.35 -3.40
N SER A 374 9.86 -16.10 -4.66
CA SER A 374 10.57 -17.10 -5.45
C SER A 374 11.88 -17.47 -4.78
N ALA A 375 12.67 -16.47 -4.38
CA ALA A 375 13.95 -16.75 -3.73
C ALA A 375 13.76 -17.56 -2.46
N LEU A 376 12.80 -17.15 -1.61
CA LEU A 376 12.51 -17.93 -0.40
C LEU A 376 12.10 -19.34 -0.76
N ALA A 377 11.20 -19.49 -1.73
CA ALA A 377 10.70 -20.81 -2.09
C ALA A 377 11.83 -21.74 -2.50
N ARG A 378 12.81 -21.23 -3.25
CA ARG A 378 13.86 -22.07 -3.78
C ARG A 378 15.02 -22.28 -2.80
N LYS A 379 15.18 -21.41 -1.81
CA LYS A 379 16.37 -21.42 -0.96
C LYS A 379 16.12 -21.71 0.50
N VAL A 380 14.89 -21.57 0.99
CA VAL A 380 14.60 -21.64 2.41
C VAL A 380 13.71 -22.84 2.69
N ALA A 381 14.03 -23.56 3.77
CA ALA A 381 13.25 -24.72 4.18
C ALA A 381 12.26 -24.41 5.30
N ALA A 382 12.60 -23.50 6.20
CA ALA A 382 11.70 -23.12 7.27
C ALA A 382 11.95 -21.67 7.66
N ILE A 383 10.91 -21.02 8.19
CA ILE A 383 10.99 -19.66 8.71
C ILE A 383 10.33 -19.69 10.09
N ASP A 384 11.14 -19.60 11.13
CA ASP A 384 10.67 -19.70 12.51
C ASP A 384 10.82 -18.36 13.22
N ILE A 385 9.72 -17.87 13.77
CA ILE A 385 9.78 -16.68 14.62
C ILE A 385 10.56 -17.04 15.88
N ASP A 386 11.64 -16.30 16.16
CA ASP A 386 12.49 -16.61 17.29
C ASP A 386 12.87 -15.37 18.08
N GLY A 387 11.96 -14.41 18.17
CA GLY A 387 12.20 -13.20 18.92
C GLY A 387 10.94 -12.37 19.06
N PRO A 388 10.98 -11.38 19.95
CA PRO A 388 9.79 -10.54 20.15
C PRO A 388 9.35 -9.88 18.85
N VAL A 389 8.08 -10.05 18.51
CA VAL A 389 7.48 -9.40 17.36
C VAL A 389 6.91 -8.06 17.80
N LYS A 390 7.18 -7.00 17.03
CA LYS A 390 6.73 -5.65 17.36
C LYS A 390 5.98 -5.06 16.19
N ARG A 391 4.77 -4.56 16.46
CA ARG A 391 3.94 -3.97 15.42
C ARG A 391 4.32 -2.51 15.18
N ARG A 392 4.25 -2.09 13.92
CA ARG A 392 4.49 -0.72 13.53
C ARG A 392 3.14 -0.04 13.31
N PHE A 393 2.91 1.07 14.01
CA PHE A 393 1.61 1.73 13.99
C PHE A 393 1.63 2.89 12.99
N ASN A 394 0.59 2.93 12.15
CA ASN A 394 0.45 3.92 11.09
C ASN A 394 -1.04 4.04 10.79
N ASN A 395 -1.49 5.27 10.55
CA ASN A 395 -2.92 5.50 10.36
C ASN A 395 -3.48 4.82 9.13
N THR A 396 -2.62 4.40 8.21
CA THR A 396 -3.07 3.79 6.96
C THR A 396 -2.44 2.45 6.69
N LEU A 397 -1.17 2.26 7.06
CA LEU A 397 -0.44 1.04 6.76
C LEU A 397 -0.48 0.08 7.93
N ARG A 398 -0.66 -1.21 7.62
CA ARG A 398 -0.58 -2.27 8.61
C ARG A 398 0.67 -3.10 8.34
N GLY A 399 1.53 -3.21 9.35
CA GLY A 399 2.80 -3.89 9.17
C GLY A 399 3.55 -3.95 10.47
N LEU A 400 4.70 -4.62 10.43
CA LEU A 400 5.49 -4.89 11.62
C LEU A 400 6.72 -4.00 11.69
N GLU A 401 7.09 -3.65 12.93
CA GLU A 401 8.32 -2.92 13.17
C GLU A 401 9.53 -3.86 13.24
N SER A 402 9.33 -5.05 13.80
CA SER A 402 10.40 -6.03 13.94
C SER A 402 9.82 -7.42 13.91
N LEU A 403 10.47 -8.30 13.14
CA LEU A 403 10.02 -9.69 12.99
C LEU A 403 11.23 -10.61 13.04
N PRO A 404 11.75 -10.89 14.23
CA PRO A 404 12.90 -11.79 14.36
C PRO A 404 12.53 -13.20 13.94
N VAL A 405 13.26 -13.74 12.96
CA VAL A 405 13.01 -15.08 12.45
C VAL A 405 14.33 -15.80 12.25
N LYS A 406 14.28 -17.13 12.32
CA LYS A 406 15.41 -17.97 11.95
C LYS A 406 15.11 -18.61 10.60
N LEU A 407 16.03 -18.44 9.65
CA LEU A 407 15.87 -18.99 8.30
C LEU A 407 16.70 -20.27 8.20
N THR A 408 16.03 -21.38 7.95
CA THR A 408 16.72 -22.66 7.75
C THR A 408 16.97 -22.89 6.26
N PRO A 409 18.21 -23.07 5.83
CA PRO A 409 18.47 -23.25 4.40
C PRO A 409 17.88 -24.55 3.88
N ALA A 410 17.44 -24.51 2.62
CA ALA A 410 16.93 -25.70 1.94
C ALA A 410 18.06 -26.65 1.62
#